data_5WAT
#
_entry.id   5WAT
#
_cell.length_a   68.081
_cell.length_b   130.078
_cell.length_c   195.951
_cell.angle_alpha   90.00
_cell.angle_beta   90.00
_cell.angle_gamma   90.00
#
_symmetry.space_group_name_H-M   'I 2 2 2'
#
loop_
_entity.id
_entity.type
_entity.pdbx_description
1 polymer 'Homoserine kinase'
2 non-polymer 'PHOSPHATE ION'
3 non-polymer 'HEXAETHYLENE GLYCOL'
4 non-polymer 'SULFATE ION'
5 non-polymer 'MAGNESIUM ION'
6 water water
#
_entity_poly.entity_id   1
_entity_poly.type   'polypeptide(L)'
_entity_poly.pdbx_seq_one_letter_code
;MAIELNVGRKVTVTVPGSSANLGPGFDTLGLALSVYDTVEVEIIPSGLEVEVFGEGQGEVPLDGSHLVVKAIRAGLKAAD
AEVPGLRVVCHNNIPQSRGLGSSAAAAVAGVAAANGLADFPLTQEQIVQLSSAFEGHPDNAAASVLGGAVVSWTNLSIDG
KSQPQYAAVPLEVQDNIRATALVPNFHASTEAVRRVLPTEVTHIDARFNVSRVAVMIVALQQRPDLLWEGTRDRLHQPYR
AEVLPITSEWVNRLRNRGYAAYLSGAGPTAMVLSTEPIPDKVLEDARESGIKVLELEVAGPVKVEVNQPHHHHHH
;
_entity_poly.pdbx_strand_id   A,B
#
# COMPACT_ATOMS: atom_id res chain seq x y z
N ALA A 2 34.34 -10.50 13.56
CA ALA A 2 33.24 -10.32 12.62
C ALA A 2 32.52 -11.62 12.32
N ILE A 3 31.19 -11.60 12.34
CA ILE A 3 30.42 -12.80 12.00
CA ILE A 3 30.42 -12.78 12.00
C ILE A 3 30.35 -12.94 10.48
N GLU A 4 30.49 -14.17 10.00
CA GLU A 4 30.43 -14.44 8.58
C GLU A 4 28.99 -14.72 8.22
N LEU A 5 28.45 -14.01 7.24
CA LEU A 5 27.06 -14.26 6.84
C LEU A 5 26.99 -15.39 5.82
N ASN A 6 25.91 -16.16 5.84
CA ASN A 6 25.79 -17.35 4.99
C ASN A 6 25.46 -17.12 3.53
N VAL A 7 26.03 -17.97 2.67
CA VAL A 7 25.64 -18.00 1.25
C VAL A 7 24.15 -18.20 1.11
N GLY A 8 23.55 -17.48 0.17
CA GLY A 8 22.13 -17.63 -0.08
C GLY A 8 21.27 -16.57 0.61
N ARG A 9 21.79 -15.97 1.67
CA ARG A 9 21.04 -14.85 2.28
C ARG A 9 20.80 -13.75 1.24
N LYS A 10 19.58 -13.25 1.18
CA LYS A 10 19.24 -12.29 0.13
C LYS A 10 18.17 -11.33 0.62
N VAL A 11 18.35 -10.03 0.35
CA VAL A 11 17.31 -9.06 0.65
C VAL A 11 17.02 -8.19 -0.56
N THR A 12 15.87 -7.53 -0.54
CA THR A 12 15.48 -6.61 -1.61
C THR A 12 15.07 -5.29 -0.98
N VAL A 13 15.82 -4.26 -1.32
CA VAL A 13 15.62 -2.96 -0.72
C VAL A 13 14.91 -2.07 -1.73
N THR A 14 13.88 -1.38 -1.29
CA THR A 14 13.19 -0.39 -2.13
C THR A 14 13.32 0.97 -1.45
N VAL A 15 14.04 1.88 -2.08
CA VAL A 15 14.34 3.15 -1.44
C VAL A 15 13.75 4.29 -2.27
N PRO A 16 13.07 5.25 -1.62
CA PRO A 16 12.51 6.35 -2.41
C PRO A 16 13.54 7.45 -2.65
N GLY A 17 13.35 8.24 -3.70
CA GLY A 17 14.13 9.43 -3.87
C GLY A 17 13.63 10.48 -2.90
N SER A 18 14.12 11.70 -3.02
CA SER A 18 13.76 12.77 -2.09
C SER A 18 14.08 14.13 -2.67
N SER A 19 13.46 15.14 -2.07
CA SER A 19 13.65 16.52 -2.45
C SER A 19 14.11 17.32 -1.23
N ALA A 20 15.19 18.10 -1.35
CA ALA A 20 15.73 18.87 -0.24
C ALA A 20 15.36 20.34 -0.27
N ASN A 21 15.45 20.94 0.93
CA ASN A 21 15.34 22.38 1.17
C ASN A 21 13.89 22.84 1.28
N LEU A 22 13.06 22.43 0.34
CA LEU A 22 11.62 22.72 0.39
C LEU A 22 11.39 24.24 0.50
N GLY A 23 12.24 25.02 -0.16
CA GLY A 23 12.19 26.47 -0.02
C GLY A 23 13.23 26.95 0.99
N PRO A 24 12.76 27.40 2.17
CA PRO A 24 13.65 28.07 3.13
C PRO A 24 14.51 27.10 3.95
N GLY A 25 14.15 25.82 3.95
CA GLY A 25 14.81 24.84 4.81
C GLY A 25 16.15 24.33 4.29
N PHE A 26 17.00 25.25 3.86
CA PHE A 26 18.28 24.95 3.26
C PHE A 26 19.14 24.04 4.14
N ASP A 27 19.51 22.89 3.58
CA ASP A 27 20.36 21.87 4.22
C ASP A 27 19.71 21.26 5.46
N THR A 28 18.39 21.40 5.60
CA THR A 28 17.76 20.80 6.77
CA THR A 28 17.69 20.90 6.78
C THR A 28 16.47 20.03 6.44
N LEU A 29 15.58 20.57 5.61
CA LEU A 29 14.31 19.86 5.34
C LEU A 29 14.50 18.89 4.20
N GLY A 30 13.79 17.77 4.25
CA GLY A 30 13.80 16.80 3.16
C GLY A 30 12.44 16.16 3.02
N LEU A 31 12.09 15.70 1.82
CA LEU A 31 10.80 15.07 1.61
C LEU A 31 10.96 13.83 0.74
N ALA A 32 10.58 12.66 1.25
CA ALA A 32 10.67 11.45 0.46
C ALA A 32 9.61 11.44 -0.62
N LEU A 33 9.97 10.94 -1.80
CA LEU A 33 9.10 10.97 -2.98
C LEU A 33 8.92 9.58 -3.57
N SER A 34 7.73 9.31 -4.11
CA SER A 34 7.37 7.98 -4.56
C SER A 34 7.94 7.68 -5.95
N VAL A 35 9.24 7.82 -6.09
CA VAL A 35 9.97 7.24 -7.22
C VAL A 35 11.14 6.47 -6.58
N TYR A 36 11.43 5.26 -7.05
CA TYR A 36 12.21 4.30 -6.27
C TYR A 36 13.42 3.66 -6.99
N ASP A 37 14.48 3.38 -6.24
CA ASP A 37 15.54 2.49 -6.70
C ASP A 37 15.28 1.16 -5.96
N THR A 38 15.51 0.05 -6.64
CA THR A 38 15.32 -1.27 -6.07
C THR A 38 16.66 -1.97 -6.13
N VAL A 39 17.15 -2.44 -4.98
CA VAL A 39 18.48 -3.04 -4.88
C VAL A 39 18.34 -4.42 -4.25
N GLU A 40 18.64 -5.46 -5.03
CA GLU A 40 18.68 -6.84 -4.53
C GLU A 40 20.12 -7.22 -4.21
N VAL A 41 20.32 -7.77 -3.03
CA VAL A 41 21.65 -8.14 -2.61
C VAL A 41 21.62 -9.55 -2.07
N GLU A 42 22.51 -10.38 -2.60
CA GLU A 42 22.53 -11.81 -2.33
C GLU A 42 23.95 -12.22 -1.96
N ILE A 43 24.08 -13.05 -0.94
CA ILE A 43 25.41 -13.54 -0.56
C ILE A 43 25.75 -14.75 -1.42
N ILE A 44 26.89 -14.67 -2.11
CA ILE A 44 27.34 -15.76 -2.99
C ILE A 44 28.72 -16.26 -2.57
N PRO A 45 29.15 -17.44 -3.07
CA PRO A 45 30.38 -18.00 -2.50
C PRO A 45 31.64 -17.18 -2.79
N SER A 46 31.71 -16.44 -3.89
CA SER A 46 32.93 -15.70 -4.21
CA SER A 46 32.91 -15.67 -4.16
C SER A 46 32.68 -14.57 -5.17
N GLY A 47 33.55 -13.58 -5.17
CA GLY A 47 33.47 -12.52 -6.14
C GLY A 47 32.50 -11.41 -5.75
N LEU A 48 32.61 -10.29 -6.45
CA LEU A 48 31.63 -9.22 -6.36
C LEU A 48 31.00 -9.10 -7.72
N GLU A 49 29.68 -9.22 -7.77
CA GLU A 49 28.95 -9.06 -9.01
C GLU A 49 27.96 -7.90 -8.86
N VAL A 50 28.07 -6.91 -9.74
CA VAL A 50 27.19 -5.74 -9.67
C VAL A 50 26.53 -5.52 -11.01
N GLU A 51 25.20 -5.40 -10.98
CA GLU A 51 24.43 -5.10 -12.19
C GLU A 51 23.55 -3.87 -11.97
N VAL A 52 23.57 -2.93 -12.92
CA VAL A 52 22.76 -1.72 -12.82
C VAL A 52 21.93 -1.49 -14.06
N PHE A 53 20.61 -1.35 -13.86
CA PHE A 53 19.69 -1.15 -14.97
C PHE A 53 18.78 0.04 -14.69
N GLY A 54 18.18 0.59 -15.75
CA GLY A 54 17.24 1.68 -15.58
C GLY A 54 17.26 2.76 -16.64
N GLU A 55 18.30 2.76 -17.48
CA GLU A 55 18.44 3.80 -18.50
C GLU A 55 17.55 3.49 -19.68
N GLY A 56 17.16 4.53 -20.41
CA GLY A 56 16.35 4.35 -21.61
C GLY A 56 17.10 3.53 -22.63
N GLN A 57 16.37 3.00 -23.61
CA GLN A 57 16.98 2.20 -24.66
C GLN A 57 18.01 3.02 -25.43
N GLY A 58 19.20 2.44 -25.63
CA GLY A 58 20.26 3.10 -26.37
C GLY A 58 21.16 3.99 -25.53
N GLU A 59 20.62 4.46 -24.41
CA GLU A 59 21.34 5.39 -23.53
C GLU A 59 22.49 4.72 -22.77
N VAL A 60 23.43 5.53 -22.29
CA VAL A 60 24.56 5.05 -21.51
C VAL A 60 24.13 4.61 -20.09
N PRO A 61 24.81 3.58 -19.55
CA PRO A 61 24.49 3.02 -18.22
C PRO A 61 24.51 4.02 -17.07
N LEU A 62 23.67 3.77 -16.06
CA LEU A 62 23.52 4.69 -14.93
C LEU A 62 24.72 4.71 -14.00
N ASP A 63 24.69 5.67 -13.08
CA ASP A 63 25.71 5.79 -12.04
C ASP A 63 25.21 5.23 -10.71
N GLY A 64 26.11 5.17 -9.74
CA GLY A 64 25.74 4.81 -8.39
C GLY A 64 26.02 3.37 -7.98
N SER A 65 26.42 2.52 -8.92
CA SER A 65 26.72 1.15 -8.57
C SER A 65 27.85 1.11 -7.53
N HIS A 66 28.89 1.92 -7.73
CA HIS A 66 29.99 1.97 -6.79
C HIS A 66 29.53 2.50 -5.44
N LEU A 67 28.62 3.47 -5.48
CA LEU A 67 28.14 4.06 -4.25
C LEU A 67 27.35 3.04 -3.44
N VAL A 68 26.48 2.27 -4.09
CA VAL A 68 25.75 1.22 -3.37
C VAL A 68 26.73 0.19 -2.74
N VAL A 69 27.79 -0.14 -3.46
CA VAL A 69 28.75 -1.14 -2.97
C VAL A 69 29.50 -0.63 -1.76
N LYS A 70 30.02 0.59 -1.86
CA LYS A 70 30.70 1.22 -0.71
C LYS A 70 29.77 1.27 0.48
N ALA A 71 28.49 1.60 0.25
CA ALA A 71 27.54 1.70 1.35
C ALA A 71 27.30 0.32 1.96
N ILE A 72 27.26 -0.72 1.14
CA ILE A 72 27.06 -2.07 1.68
C ILE A 72 28.26 -2.46 2.55
N ARG A 73 29.46 -2.16 2.07
CA ARG A 73 30.69 -2.44 2.83
C ARG A 73 30.68 -1.72 4.18
N ALA A 74 30.34 -0.43 4.16
CA ALA A 74 30.30 0.34 5.39
C ALA A 74 29.25 -0.20 6.32
N GLY A 75 28.10 -0.61 5.81
CA GLY A 75 27.07 -1.15 6.68
C GLY A 75 27.48 -2.47 7.32
N LEU A 76 28.17 -3.30 6.54
CA LEU A 76 28.57 -4.62 7.02
C LEU A 76 29.59 -4.46 8.15
N LYS A 77 30.51 -3.53 7.96
CA LYS A 77 31.51 -3.18 8.95
C LYS A 77 30.85 -2.74 10.26
N ALA A 78 29.89 -1.82 10.17
CA ALA A 78 29.18 -1.33 11.37
C ALA A 78 28.35 -2.43 12.00
N ALA A 79 27.96 -3.41 11.20
CA ALA A 79 27.22 -4.55 11.71
C ALA A 79 28.19 -5.61 12.19
N ASP A 80 29.49 -5.33 12.08
CA ASP A 80 30.52 -6.33 12.42
C ASP A 80 30.28 -7.65 11.68
N ALA A 81 30.00 -7.58 10.38
CA ALA A 81 29.73 -8.79 9.61
C ALA A 81 30.61 -8.82 8.37
N GLU A 82 30.76 -10.00 7.79
CA GLU A 82 31.51 -10.10 6.55
C GLU A 82 30.95 -11.21 5.68
N VAL A 83 31.25 -11.11 4.39
CA VAL A 83 30.68 -12.00 3.39
C VAL A 83 31.77 -12.55 2.49
N PRO A 84 31.58 -13.78 2.00
CA PRO A 84 32.56 -14.34 1.05
C PRO A 84 32.37 -13.81 -0.37
N GLY A 85 31.20 -13.25 -0.64
CA GLY A 85 30.90 -12.82 -1.99
C GLY A 85 29.55 -12.11 -2.02
N LEU A 86 29.33 -11.22 -2.99
CA LEU A 86 28.11 -10.46 -3.12
C LEU A 86 27.64 -10.34 -4.54
N ARG A 87 26.34 -10.52 -4.76
CA ARG A 87 25.72 -10.12 -6.02
C ARG A 87 24.72 -8.98 -5.76
N VAL A 88 24.91 -7.88 -6.47
CA VAL A 88 24.13 -6.67 -6.26
C VAL A 88 23.43 -6.31 -7.55
N VAL A 89 22.11 -6.30 -7.54
CA VAL A 89 21.34 -5.96 -8.74
C VAL A 89 20.43 -4.76 -8.47
N CYS A 90 20.69 -3.69 -9.21
CA CYS A 90 19.97 -2.43 -9.07
C CYS A 90 19.04 -2.14 -10.25
N HIS A 91 17.78 -1.83 -9.95
CA HIS A 91 16.87 -1.21 -10.93
C HIS A 91 16.57 0.19 -10.42
N ASN A 92 17.18 1.18 -11.07
CA ASN A 92 17.13 2.55 -10.60
C ASN A 92 16.12 3.38 -11.39
N ASN A 93 15.08 3.89 -10.75
CA ASN A 93 14.14 4.80 -11.44
C ASN A 93 14.30 6.25 -11.01
N ILE A 94 15.07 6.51 -9.95
CA ILE A 94 15.26 7.88 -9.51
C ILE A 94 16.17 8.60 -10.48
N PRO A 95 15.64 9.66 -11.14
CA PRO A 95 16.44 10.46 -12.07
C PRO A 95 17.70 10.97 -11.40
N GLN A 96 18.84 10.85 -12.07
CA GLN A 96 20.11 11.24 -11.45
C GLN A 96 20.50 12.66 -11.84
N SER A 97 21.19 13.35 -10.94
CA SER A 97 21.61 14.73 -11.19
C SER A 97 20.44 15.64 -11.54
N ARG A 98 19.27 15.39 -10.95
CA ARG A 98 18.12 16.26 -11.19
C ARG A 98 17.57 16.88 -9.90
N GLY A 99 18.31 16.70 -8.80
CA GLY A 99 17.90 17.22 -7.52
C GLY A 99 16.84 16.37 -6.87
N LEU A 100 16.79 15.08 -7.23
CA LEU A 100 15.80 14.15 -6.64
C LEU A 100 16.45 13.06 -5.75
N GLY A 101 17.64 13.32 -5.25
CA GLY A 101 18.19 12.51 -4.17
C GLY A 101 18.65 11.11 -4.56
N SER A 102 19.18 10.98 -5.78
CA SER A 102 19.57 9.69 -6.33
C SER A 102 20.77 9.07 -5.61
N SER A 103 21.86 9.82 -5.45
CA SER A 103 23.02 9.33 -4.68
C SER A 103 22.73 9.00 -3.22
N ALA A 104 21.97 9.87 -2.56
CA ALA A 104 21.65 9.62 -1.17
C ALA A 104 20.86 8.33 -1.03
N ALA A 105 19.92 8.13 -1.94
CA ALA A 105 19.10 6.93 -1.92
C ALA A 105 19.94 5.66 -2.16
N ALA A 106 20.93 5.76 -3.02
CA ALA A 106 21.80 4.62 -3.29
C ALA A 106 22.60 4.25 -2.02
N ALA A 107 23.13 5.25 -1.32
CA ALA A 107 23.85 5.01 -0.06
C ALA A 107 22.92 4.39 0.98
N VAL A 108 21.74 4.96 1.13
CA VAL A 108 20.75 4.39 2.05
C VAL A 108 20.40 2.93 1.70
N ALA A 109 20.18 2.65 0.41
CA ALA A 109 19.89 1.28 -0.02
C ALA A 109 21.00 0.30 0.39
N GLY A 110 22.26 0.70 0.20
CA GLY A 110 23.37 -0.21 0.51
C GLY A 110 23.51 -0.45 2.00
N VAL A 111 23.43 0.62 2.80
CA VAL A 111 23.50 0.46 4.25
C VAL A 111 22.33 -0.39 4.73
N ALA A 112 21.14 -0.09 4.23
CA ALA A 112 19.95 -0.85 4.66
C ALA A 112 20.02 -2.32 4.23
N ALA A 113 20.52 -2.57 3.02
CA ALA A 113 20.71 -3.94 2.56
C ALA A 113 21.67 -4.69 3.49
N ALA A 114 22.84 -4.09 3.74
CA ALA A 114 23.85 -4.71 4.60
C ALA A 114 23.25 -5.03 5.96
N ASN A 115 22.44 -4.09 6.47
CA ASN A 115 21.78 -4.27 7.77
C ASN A 115 20.81 -5.45 7.75
N GLY A 116 19.99 -5.52 6.71
CA GLY A 116 19.04 -6.63 6.55
C GLY A 116 19.74 -7.98 6.42
N LEU A 117 20.83 -7.99 5.66
CA LEU A 117 21.59 -9.22 5.48
C LEU A 117 22.12 -9.75 6.81
N ALA A 118 22.50 -8.82 7.70
CA ALA A 118 23.05 -9.14 9.03
C ALA A 118 21.96 -9.30 10.09
N ASP A 119 20.72 -9.46 9.63
CA ASP A 119 19.56 -9.63 10.50
C ASP A 119 19.27 -8.40 11.38
N PHE A 120 19.52 -7.22 10.83
CA PHE A 120 19.05 -5.95 11.37
C PHE A 120 19.60 -5.55 12.75
N PRO A 121 20.93 -5.57 12.94
CA PRO A 121 21.46 -5.14 14.24
C PRO A 121 21.52 -3.63 14.39
N LEU A 122 21.44 -2.88 13.30
CA LEU A 122 21.64 -1.45 13.40
C LEU A 122 20.33 -0.68 13.66
N THR A 123 20.44 0.44 14.37
CA THR A 123 19.28 1.30 14.58
C THR A 123 19.07 2.25 13.42
N GLN A 124 17.87 2.82 13.34
CA GLN A 124 17.55 3.82 12.34
C GLN A 124 18.54 4.96 12.38
N GLU A 125 18.84 5.40 13.60
N GLU A 125 18.84 5.40 13.60
CA GLU A 125 19.81 6.45 13.82
CA GLU A 125 19.82 6.45 13.83
C GLU A 125 21.18 6.11 13.23
C GLU A 125 21.18 6.11 13.23
N GLN A 126 21.60 4.86 13.37
CA GLN A 126 22.88 4.42 12.81
C GLN A 126 22.82 4.41 11.29
N ILE A 127 21.68 3.98 10.76
CA ILE A 127 21.54 3.94 9.29
C ILE A 127 21.63 5.36 8.73
N VAL A 128 20.95 6.31 9.37
CA VAL A 128 21.06 7.72 8.99
C VAL A 128 22.49 8.24 9.08
N GLN A 129 23.21 7.86 10.14
CA GLN A 129 24.60 8.30 10.30
C GLN A 129 25.46 7.79 9.15
N LEU A 130 25.41 6.48 8.92
CA LEU A 130 26.33 5.87 7.93
C LEU A 130 26.00 6.34 6.49
N SER A 131 24.72 6.35 6.13
CA SER A 131 24.36 6.70 4.75
C SER A 131 24.63 8.18 4.42
N SER A 132 24.44 9.05 5.42
CA SER A 132 24.61 10.51 5.21
C SER A 132 26.05 10.93 4.95
N ALA A 133 26.97 10.11 5.45
CA ALA A 133 28.39 10.42 5.37
C ALA A 133 28.92 10.34 3.94
N PHE A 134 28.23 9.63 3.05
CA PHE A 134 28.66 9.53 1.64
C PHE A 134 28.26 10.74 0.78
N GLU A 135 28.41 10.59 -0.53
CA GLU A 135 28.18 11.67 -1.52
C GLU A 135 26.88 12.50 -1.40
N GLY A 136 25.72 11.86 -1.34
CA GLY A 136 24.47 12.59 -1.22
C GLY A 136 24.34 13.35 0.10
N HIS A 137 23.64 14.50 0.07
CA HIS A 137 23.47 15.35 1.26
C HIS A 137 22.64 14.66 2.36
N PRO A 138 22.91 15.01 3.64
CA PRO A 138 22.18 14.53 4.83
C PRO A 138 20.65 14.73 4.83
N ASP A 139 20.15 15.87 4.38
CA ASP A 139 18.69 16.04 4.33
C ASP A 139 18.03 15.04 3.35
N ASN A 140 18.67 14.74 2.22
CA ASN A 140 18.19 13.68 1.30
C ASN A 140 18.26 12.27 1.90
N ALA A 141 19.40 11.94 2.51
CA ALA A 141 19.57 10.59 3.04
C ALA A 141 18.57 10.30 4.11
N ALA A 142 18.37 11.28 5.01
CA ALA A 142 17.40 11.11 6.08
C ALA A 142 16.00 10.89 5.56
N ALA A 143 15.63 11.67 4.55
CA ALA A 143 14.31 11.46 3.95
C ALA A 143 14.17 10.06 3.39
N SER A 144 15.21 9.57 2.71
CA SER A 144 15.14 8.22 2.16
C SER A 144 15.05 7.17 3.25
N VAL A 145 15.70 7.41 4.39
CA VAL A 145 15.59 6.44 5.48
C VAL A 145 14.26 6.49 6.19
N LEU A 146 13.87 7.69 6.63
CA LEU A 146 12.72 7.87 7.51
C LEU A 146 11.39 7.89 6.79
N GLY A 147 11.38 8.34 5.53
CA GLY A 147 10.12 8.54 4.80
C GLY A 147 9.50 9.87 5.15
N GLY A 148 8.42 10.25 4.45
CA GLY A 148 7.73 11.49 4.75
C GLY A 148 8.61 12.71 4.65
N ALA A 149 8.38 13.67 5.54
CA ALA A 149 9.19 14.89 5.63
C ALA A 149 10.06 14.74 6.85
N VAL A 150 11.25 15.34 6.79
CA VAL A 150 12.19 15.16 7.87
C VAL A 150 12.89 16.45 8.16
N VAL A 151 13.32 16.59 9.41
CA VAL A 151 14.27 17.62 9.80
C VAL A 151 15.62 16.98 10.09
N SER A 152 16.68 17.49 9.49
CA SER A 152 17.99 16.90 9.71
C SER A 152 18.98 17.99 10.08
N TRP A 153 20.08 17.59 10.72
CA TRP A 153 21.06 18.56 11.20
C TRP A 153 22.36 17.84 11.47
N THR A 154 23.45 18.59 11.46
CA THR A 154 24.77 18.03 11.71
C THR A 154 25.42 18.68 12.93
N ASN A 155 26.09 17.86 13.72
CA ASN A 155 27.00 18.39 14.73
C ASN A 155 28.41 18.12 14.27
N LEU A 156 29.11 19.19 13.91
CA LEU A 156 30.50 19.09 13.49
C LEU A 156 31.31 18.89 14.77
N SER A 157 31.70 17.65 15.04
CA SER A 157 32.42 17.37 16.28
C SER A 157 33.81 18.03 16.20
N ILE A 158 34.15 18.80 17.23
CA ILE A 158 35.41 19.53 17.25
C ILE A 158 36.39 18.93 18.24
N ASP A 159 36.50 17.61 18.21
CA ASP A 159 37.49 16.89 19.02
C ASP A 159 37.73 15.48 18.48
N GLY A 160 38.42 15.36 17.34
CA GLY A 160 38.90 16.47 16.55
C GLY A 160 38.62 16.16 15.08
N LYS A 161 38.97 14.93 14.69
CA LYS A 161 38.46 14.28 13.47
C LYS A 161 38.24 12.80 13.85
N SER A 162 37.10 12.43 14.45
CA SER A 162 35.79 13.11 14.56
C SER A 162 35.16 13.34 13.21
N GLN A 163 34.37 12.35 12.79
CA GLN A 163 33.45 12.52 11.70
C GLN A 163 32.21 13.24 12.24
N PRO A 164 31.60 14.13 11.44
CA PRO A 164 30.36 14.81 11.84
C PRO A 164 29.29 13.83 12.27
N GLN A 165 28.50 14.23 13.28
N GLN A 165 28.43 14.23 13.21
CA GLN A 165 27.27 13.54 13.59
CA GLN A 165 27.31 13.38 13.61
C GLN A 165 26.23 14.00 12.58
C GLN A 165 26.02 13.87 12.94
N TYR A 166 25.48 13.05 12.03
CA TYR A 166 24.30 13.36 11.22
C TYR A 166 23.07 12.82 11.91
N ALA A 167 22.09 13.69 12.12
CA ALA A 167 20.88 13.26 12.80
C ALA A 167 19.66 13.76 12.05
N ALA A 168 18.54 13.11 12.29
CA ALA A 168 17.30 13.53 11.70
C ALA A 168 16.15 13.06 12.52
N VAL A 169 15.03 13.76 12.35
CA VAL A 169 13.78 13.35 12.96
C VAL A 169 12.67 13.51 11.96
N PRO A 170 11.65 12.65 12.05
CA PRO A 170 10.53 12.68 11.12
C PRO A 170 9.50 13.74 11.49
N LEU A 171 8.96 14.44 10.47
CA LEU A 171 7.79 15.30 10.65
C LEU A 171 6.53 14.52 10.36
N GLU A 172 5.42 15.03 10.83
CA GLU A 172 4.12 14.50 10.42
C GLU A 172 3.70 15.26 9.16
N VAL A 173 3.22 14.55 8.16
CA VAL A 173 2.76 15.24 6.96
C VAL A 173 1.29 14.95 6.80
N GLN A 174 0.49 15.97 6.53
CA GLN A 174 -0.93 15.75 6.31
C GLN A 174 -1.09 14.82 5.10
N ASP A 175 -2.05 13.91 5.21
CA ASP A 175 -2.24 12.82 4.26
C ASP A 175 -2.57 13.25 2.84
N ASN A 176 -3.05 14.48 2.67
CA ASN A 176 -3.51 14.89 1.33
C ASN A 176 -2.49 15.75 0.60
N ILE A 177 -1.32 15.94 1.17
CA ILE A 177 -0.30 16.71 0.48
C ILE A 177 0.36 15.81 -0.57
N ARG A 178 0.56 16.36 -1.75
CA ARG A 178 1.18 15.60 -2.83
C ARG A 178 2.30 16.43 -3.41
N ALA A 179 3.12 15.84 -4.27
CA ALA A 179 4.28 16.53 -4.81
C ALA A 179 4.36 16.31 -6.31
N THR A 180 4.54 17.40 -7.05
CA THR A 180 4.61 17.30 -8.51
C THR A 180 5.94 17.84 -8.98
N ALA A 181 6.74 17.01 -9.64
CA ALA A 181 8.07 17.41 -10.03
C ALA A 181 8.07 17.82 -11.50
N LEU A 182 8.73 18.93 -11.81
CA LEU A 182 8.96 19.36 -13.19
C LEU A 182 10.45 19.23 -13.47
N VAL A 183 10.82 18.20 -14.21
CA VAL A 183 12.21 17.81 -14.37
C VAL A 183 12.73 18.17 -15.77
N PRO A 184 13.58 19.20 -15.87
CA PRO A 184 14.14 19.60 -17.16
C PRO A 184 15.23 18.62 -17.60
N ASN A 185 15.66 18.74 -18.85
CA ASN A 185 16.58 17.74 -19.41
C ASN A 185 18.03 17.90 -18.99
N PHE A 186 18.51 19.14 -18.87
CA PHE A 186 19.95 19.36 -18.71
C PHE A 186 20.50 18.77 -17.42
N HIS A 187 21.64 18.08 -17.54
CA HIS A 187 22.30 17.46 -16.40
C HIS A 187 22.89 18.52 -15.47
N ALA A 188 23.06 19.72 -16.02
CA ALA A 188 23.28 20.91 -15.22
C ALA A 188 22.07 21.02 -14.28
N SER A 189 22.23 21.57 -13.08
CA SER A 189 23.35 22.39 -12.67
C SER A 189 24.65 21.66 -12.35
N THR A 190 25.76 22.35 -12.60
CA THR A 190 27.08 21.88 -12.21
C THR A 190 27.30 22.23 -10.74
N GLU A 191 28.48 21.92 -10.22
CA GLU A 191 28.78 22.21 -8.82
C GLU A 191 29.21 23.67 -8.65
N ALA A 192 28.59 24.54 -9.44
CA ALA A 192 28.80 25.98 -9.34
C ALA A 192 27.52 26.65 -8.80
N VAL A 193 26.63 25.84 -8.24
CA VAL A 193 25.42 26.36 -7.60
C VAL A 193 25.64 26.63 -6.11
N ARG A 194 26.82 26.27 -5.61
CA ARG A 194 27.20 26.69 -4.26
C ARG A 194 28.34 27.69 -4.34
N ARG A 195 28.91 27.84 -5.53
CA ARG A 195 29.90 28.89 -5.76
C ARG A 195 29.17 30.22 -6.01
N VAL A 196 27.85 30.13 -6.06
CA VAL A 196 27.00 31.30 -6.21
C VAL A 196 26.40 31.73 -4.85
N LEU A 197 26.48 30.85 -3.86
CA LEU A 197 25.99 31.18 -2.53
C LEU A 197 26.93 32.17 -1.84
N PRO A 198 26.39 33.29 -1.36
CA PRO A 198 27.23 34.33 -0.74
C PRO A 198 27.81 33.89 0.61
N THR A 199 28.87 34.57 1.05
CA THR A 199 29.47 34.29 2.36
C THR A 199 28.68 34.98 3.47
N GLU A 200 28.14 36.15 3.13
CA GLU A 200 27.38 36.99 4.05
C GLU A 200 25.95 37.13 3.58
N VAL A 201 25.00 37.20 4.50
CA VAL A 201 23.63 37.57 4.17
C VAL A 201 23.15 38.62 5.16
N THR A 202 22.09 39.35 4.85
CA THR A 202 21.58 40.31 5.81
C THR A 202 20.91 39.57 6.98
N HIS A 203 20.89 40.23 8.13
CA HIS A 203 20.24 39.68 9.32
C HIS A 203 18.76 39.53 9.04
N ILE A 204 18.21 40.50 8.30
CA ILE A 204 16.82 40.48 7.90
C ILE A 204 16.47 39.25 7.04
N ASP A 205 17.37 38.83 6.16
CA ASP A 205 17.10 37.68 5.31
C ASP A 205 17.19 36.39 6.11
N ALA A 206 18.15 36.35 7.02
CA ALA A 206 18.33 35.20 7.91
C ALA A 206 17.07 35.03 8.76
N ARG A 207 16.59 36.15 9.31
CA ARG A 207 15.34 36.24 10.06
C ARG A 207 14.18 35.68 9.25
N PHE A 208 14.09 36.16 8.01
CA PHE A 208 13.02 35.76 7.11
C PHE A 208 12.97 34.23 6.95
N ASN A 209 14.12 33.63 6.70
CA ASN A 209 14.15 32.17 6.48
C ASN A 209 13.85 31.39 7.74
N VAL A 210 14.28 31.91 8.88
CA VAL A 210 13.95 31.27 10.14
C VAL A 210 12.45 31.22 10.33
N SER A 211 11.73 32.28 9.97
CA SER A 211 10.30 32.24 10.23
C SER A 211 9.57 31.41 9.17
N ARG A 212 10.00 31.51 7.92
CA ARG A 212 9.36 30.71 6.87
C ARG A 212 9.64 29.21 6.97
N VAL A 213 10.81 28.80 7.46
CA VAL A 213 10.98 27.36 7.65
C VAL A 213 10.06 26.89 8.76
N ALA A 214 9.80 27.74 9.76
CA ALA A 214 8.88 27.38 10.83
C ALA A 214 7.46 27.27 10.27
N VAL A 215 7.09 28.22 9.43
CA VAL A 215 5.79 28.16 8.74
C VAL A 215 5.64 26.91 7.84
N MET A 216 6.73 26.58 7.14
CA MET A 216 6.73 25.42 6.25
C MET A 216 6.40 24.15 7.04
N ILE A 217 7.03 24.03 8.20
CA ILE A 217 6.82 22.86 9.05
C ILE A 217 5.35 22.75 9.50
N VAL A 218 4.74 23.87 9.90
CA VAL A 218 3.33 23.77 10.28
C VAL A 218 2.46 23.54 9.04
N ALA A 219 2.84 24.16 7.92
CA ALA A 219 2.13 23.93 6.64
C ALA A 219 2.09 22.44 6.28
N LEU A 220 3.23 21.77 6.40
CA LEU A 220 3.32 20.33 6.10
C LEU A 220 2.49 19.50 7.07
N GLN A 221 2.50 19.87 8.35
N GLN A 221 2.55 19.87 8.34
CA GLN A 221 1.83 19.04 9.34
CA GLN A 221 1.85 19.16 9.40
C GLN A 221 0.32 19.32 9.46
C GLN A 221 0.34 19.31 9.29
N GLN A 222 -0.13 20.54 9.18
CA GLN A 222 -1.56 20.80 9.38
C GLN A 222 -2.18 21.91 8.60
N ARG A 223 -1.38 22.71 7.91
CA ARG A 223 -1.96 23.87 7.23
C ARG A 223 -1.45 23.95 5.81
N PRO A 224 -1.97 23.08 4.93
CA PRO A 224 -1.45 23.04 3.56
C PRO A 224 -1.78 24.31 2.78
N ASP A 225 -2.77 25.08 3.22
CA ASP A 225 -2.95 26.42 2.66
C ASP A 225 -1.72 27.33 2.88
N LEU A 226 -0.83 26.97 3.83
CA LEU A 226 0.35 27.81 4.07
C LEU A 226 1.62 27.37 3.31
N LEU A 227 1.49 26.38 2.43
CA LEU A 227 2.65 25.85 1.71
C LEU A 227 3.30 26.94 0.87
N TRP A 228 2.47 27.83 0.31
CA TRP A 228 3.01 28.88 -0.54
C TRP A 228 3.88 29.85 0.26
N GLU A 229 3.38 30.25 1.43
CA GLU A 229 4.14 31.09 2.34
C GLU A 229 5.37 30.35 2.88
N GLY A 230 5.20 29.07 3.20
CA GLY A 230 6.29 28.34 3.81
C GLY A 230 7.41 28.00 2.81
N THR A 231 7.14 28.14 1.50
CA THR A 231 8.19 27.82 0.52
C THR A 231 8.98 29.04 0.03
N ARG A 232 8.78 30.19 0.68
CA ARG A 232 9.55 31.38 0.31
C ARG A 232 10.97 31.29 0.85
N ASP A 233 11.93 31.82 0.12
CA ASP A 233 13.31 31.67 0.51
C ASP A 233 14.15 32.86 0.14
N ARG A 234 15.17 33.16 0.95
CA ARG A 234 16.08 34.23 0.60
C ARG A 234 17.54 33.82 0.77
N LEU A 235 17.78 32.56 1.12
CA LEU A 235 19.14 32.11 1.40
C LEU A 235 19.83 31.34 0.25
N HIS A 236 19.08 30.78 -0.69
CA HIS A 236 19.76 30.01 -1.73
C HIS A 236 19.12 30.11 -3.11
N GLN A 237 17.80 30.13 -3.17
CA GLN A 237 17.11 30.21 -4.46
C GLN A 237 17.37 31.49 -5.28
N PRO A 238 17.42 32.68 -4.64
CA PRO A 238 17.68 33.88 -5.47
C PRO A 238 19.05 33.84 -6.18
N TYR A 239 20.01 33.14 -5.59
CA TYR A 239 21.36 33.08 -6.15
C TYR A 239 21.45 32.00 -7.21
N ARG A 240 20.86 30.85 -6.92
CA ARG A 240 20.82 29.77 -7.88
C ARG A 240 19.97 30.09 -9.09
N ALA A 241 19.00 31.00 -8.94
CA ALA A 241 18.19 31.46 -10.04
C ALA A 241 19.07 32.04 -11.15
N GLU A 242 20.21 32.61 -10.76
CA GLU A 242 21.16 33.18 -11.71
C GLU A 242 21.73 32.11 -12.65
N VAL A 243 21.97 30.93 -12.08
CA VAL A 243 22.54 29.79 -12.79
C VAL A 243 21.48 28.95 -13.51
N LEU A 244 20.24 29.03 -13.03
CA LEU A 244 19.15 28.24 -13.62
C LEU A 244 17.98 29.14 -14.04
N PRO A 245 18.22 30.02 -15.02
CA PRO A 245 17.23 31.04 -15.41
C PRO A 245 15.89 30.42 -15.82
N ILE A 246 15.92 29.24 -16.43
CA ILE A 246 14.71 28.57 -16.89
C ILE A 246 13.91 27.96 -15.75
N THR A 247 14.58 27.21 -14.88
CA THR A 247 13.93 26.66 -13.70
C THR A 247 13.29 27.80 -12.89
N SER A 248 14.02 28.90 -12.76
CA SER A 248 13.55 30.06 -12.01
C SER A 248 12.28 30.66 -12.61
N GLU A 249 12.19 30.65 -13.95
CA GLU A 249 10.99 31.13 -14.62
C GLU A 249 9.81 30.21 -14.34
N TRP A 250 10.05 28.91 -14.30
CA TRP A 250 8.97 27.98 -14.00
C TRP A 250 8.48 28.15 -12.56
N VAL A 251 9.41 28.30 -11.62
CA VAL A 251 9.06 28.52 -10.20
C VAL A 251 8.26 29.82 -10.05
N ASN A 252 8.80 30.92 -10.57
CA ASN A 252 8.12 32.23 -10.54
C ASN A 252 6.75 32.20 -11.17
N ARG A 253 6.65 31.60 -12.36
CA ARG A 253 5.36 31.50 -13.04
C ARG A 253 4.36 30.74 -12.18
N LEU A 254 4.80 29.63 -11.61
CA LEU A 254 3.93 28.83 -10.76
C LEU A 254 3.56 29.59 -9.49
N ARG A 255 4.54 30.19 -8.85
CA ARG A 255 4.27 30.91 -7.59
C ARG A 255 3.32 32.10 -7.81
N ASN A 256 3.48 32.80 -8.93
CA ASN A 256 2.61 33.93 -9.26
C ASN A 256 1.15 33.51 -9.40
N ARG A 257 0.92 32.23 -9.70
CA ARG A 257 -0.45 31.75 -9.83
CA ARG A 257 -0.42 31.68 -9.84
C ARG A 257 -0.89 31.02 -8.56
N GLY A 258 -0.11 31.17 -7.49
CA GLY A 258 -0.47 30.61 -6.20
C GLY A 258 0.01 29.20 -5.85
N TYR A 259 0.82 28.58 -6.72
CA TYR A 259 1.35 27.23 -6.47
C TYR A 259 2.55 27.26 -5.56
N ALA A 260 2.57 26.36 -4.59
CA ALA A 260 3.73 26.27 -3.69
C ALA A 260 4.92 25.62 -4.38
N ALA A 261 5.58 26.38 -5.26
CA ALA A 261 6.72 25.84 -6.00
C ALA A 261 8.07 26.25 -5.39
N TYR A 262 9.05 25.36 -5.49
CA TYR A 262 10.39 25.63 -4.97
C TYR A 262 11.43 24.86 -5.77
N LEU A 263 12.70 25.19 -5.55
CA LEU A 263 13.81 24.52 -6.17
C LEU A 263 14.14 23.19 -5.47
N SER A 264 14.02 22.07 -6.17
CA SER A 264 14.31 20.78 -5.52
C SER A 264 15.81 20.62 -5.29
N GLY A 265 16.25 20.69 -4.03
CA GLY A 265 17.68 20.64 -3.76
C GLY A 265 18.36 21.85 -4.38
N ALA A 266 19.36 21.60 -5.23
CA ALA A 266 19.98 22.67 -6.00
C ALA A 266 19.52 22.68 -7.48
N GLY A 267 18.46 21.93 -7.79
CA GLY A 267 17.90 21.94 -9.12
C GLY A 267 18.44 20.86 -10.03
N PRO A 268 18.03 20.90 -11.32
CA PRO A 268 17.20 21.98 -11.86
C PRO A 268 15.71 21.68 -11.75
N THR A 269 15.35 20.60 -11.07
CA THR A 269 13.95 20.24 -10.92
C THR A 269 13.20 21.28 -10.09
N ALA A 270 12.04 21.73 -10.59
CA ALA A 270 11.14 22.52 -9.78
C ALA A 270 10.07 21.59 -9.21
N MET A 271 9.81 21.73 -7.92
CA MET A 271 8.81 20.91 -7.25
C MET A 271 7.63 21.75 -6.81
N VAL A 272 6.43 21.20 -6.92
CA VAL A 272 5.24 21.85 -6.42
C VAL A 272 4.54 20.97 -5.40
N LEU A 273 4.28 21.50 -4.21
CA LEU A 273 3.51 20.80 -3.19
C LEU A 273 2.10 21.33 -3.21
N SER A 274 1.11 20.45 -3.12
N SER A 274 1.11 20.46 -3.09
CA SER A 274 -0.28 20.88 -3.13
CA SER A 274 -0.27 20.92 -3.09
C SER A 274 -1.15 19.82 -2.47
C SER A 274 -1.13 19.86 -2.44
N THR A 275 -2.44 20.10 -2.38
CA THR A 275 -3.39 19.09 -1.93
C THR A 275 -4.26 18.71 -3.11
N GLU A 276 -4.31 19.58 -4.12
CA GLU A 276 -5.04 19.28 -5.36
C GLU A 276 -4.06 19.07 -6.50
N PRO A 277 -4.43 18.24 -7.50
CA PRO A 277 -3.52 18.10 -8.64
C PRO A 277 -3.32 19.42 -9.38
N ILE A 278 -2.12 19.65 -9.92
CA ILE A 278 -1.86 20.78 -10.79
C ILE A 278 -2.73 20.62 -12.06
N PRO A 279 -3.32 21.72 -12.57
CA PRO A 279 -4.16 21.66 -13.78
C PRO A 279 -3.42 21.11 -14.98
N ASP A 280 -4.12 20.26 -15.72
CA ASP A 280 -3.61 19.64 -16.95
C ASP A 280 -2.90 20.61 -17.88
N LYS A 281 -3.48 21.80 -18.05
CA LYS A 281 -2.92 22.77 -18.99
C LYS A 281 -1.53 23.21 -18.58
N VAL A 282 -1.34 23.40 -17.29
CA VAL A 282 -0.02 23.73 -16.78
C VAL A 282 0.96 22.58 -17.05
N LEU A 283 0.54 21.36 -16.75
CA LEU A 283 1.42 20.19 -16.88
C LEU A 283 1.72 19.94 -18.36
N GLU A 284 0.72 20.05 -19.22
CA GLU A 284 0.97 19.76 -20.64
C GLU A 284 1.84 20.87 -21.25
N ASP A 285 1.70 22.10 -20.78
CA ASP A 285 2.63 23.16 -21.19
C ASP A 285 4.07 22.80 -20.84
N ALA A 286 4.30 22.31 -19.63
CA ALA A 286 5.64 21.88 -19.25
C ALA A 286 6.13 20.76 -20.17
N ARG A 287 5.28 19.76 -20.36
CA ARG A 287 5.67 18.61 -21.18
C ARG A 287 6.04 19.02 -22.62
N GLU A 288 5.23 19.89 -23.21
CA GLU A 288 5.50 20.36 -24.58
C GLU A 288 6.80 21.12 -24.64
N SER A 289 7.21 21.70 -23.52
CA SER A 289 8.48 22.42 -23.47
C SER A 289 9.66 21.50 -23.25
N GLY A 290 9.41 20.19 -23.23
CA GLY A 290 10.48 19.24 -22.97
C GLY A 290 10.75 18.99 -21.48
N ILE A 291 9.84 19.41 -20.61
CA ILE A 291 10.00 19.12 -19.20
C ILE A 291 9.23 17.87 -18.79
N LYS A 292 9.90 16.88 -18.22
CA LYS A 292 9.19 15.70 -17.70
C LYS A 292 8.36 16.07 -16.48
N VAL A 293 7.12 15.59 -16.44
CA VAL A 293 6.23 15.83 -15.31
C VAL A 293 6.05 14.53 -14.53
N LEU A 294 6.36 14.56 -13.23
CA LEU A 294 6.13 13.40 -12.38
C LEU A 294 5.09 13.79 -11.35
N GLU A 295 3.93 13.13 -11.40
CA GLU A 295 2.91 13.39 -10.39
C GLU A 295 3.08 12.37 -9.27
N LEU A 296 3.79 12.81 -8.22
CA LEU A 296 4.22 11.89 -7.16
C LEU A 296 3.39 11.97 -5.86
N GLU A 297 3.56 10.94 -5.03
CA GLU A 297 3.07 10.89 -3.65
C GLU A 297 4.25 11.11 -2.74
N VAL A 298 3.98 11.54 -1.52
CA VAL A 298 4.97 11.52 -0.46
C VAL A 298 5.22 10.06 -0.11
N ALA A 299 6.48 9.64 -0.11
CA ALA A 299 6.80 8.23 0.06
C ALA A 299 6.99 7.89 1.55
N GLY A 300 6.85 6.61 1.90
CA GLY A 300 7.22 6.12 3.22
C GLY A 300 8.70 5.78 3.30
N PRO A 301 9.13 5.14 4.39
CA PRO A 301 10.54 4.83 4.63
C PRO A 301 11.13 3.78 3.66
N VAL A 302 12.44 3.76 3.54
CA VAL A 302 13.16 2.66 2.86
C VAL A 302 12.58 1.37 3.38
N LYS A 303 12.34 0.42 2.49
CA LYS A 303 11.77 -0.87 2.87
C LYS A 303 12.80 -1.98 2.57
N VAL A 304 12.92 -2.95 3.46
CA VAL A 304 13.84 -4.08 3.27
C VAL A 304 13.05 -5.36 3.34
N GLU A 305 12.91 -6.07 2.22
CA GLU A 305 12.23 -7.36 2.27
C GLU A 305 13.29 -8.47 2.30
N VAL A 306 13.11 -9.43 3.21
CA VAL A 306 14.01 -10.60 3.30
C VAL A 306 13.50 -11.71 2.38
N ASN A 307 14.21 -11.97 1.29
CA ASN A 307 13.76 -12.98 0.35
C ASN A 307 14.06 -14.40 0.79
N GLN A 308 15.23 -14.62 1.35
CA GLN A 308 15.62 -15.99 1.66
C GLN A 308 14.88 -16.42 2.92
N PRO A 309 14.11 -17.52 2.82
CA PRO A 309 13.37 -18.06 3.96
C PRO A 309 14.30 -18.40 5.12
N HIS A 310 13.82 -18.28 6.34
CA HIS A 310 14.50 -18.86 7.49
C HIS A 310 13.88 -20.22 7.77
N HIS A 311 14.65 -21.14 8.32
CA HIS A 311 14.19 -22.51 8.53
C HIS A 311 14.19 -22.87 10.01
N ALA B 2 -37.99 7.98 -12.86
CA ALA B 2 -36.82 8.10 -12.00
C ALA B 2 -36.67 9.51 -11.41
N ILE B 3 -36.32 9.56 -10.14
CA ILE B 3 -36.05 10.82 -9.46
C ILE B 3 -34.55 11.17 -9.51
N GLU B 4 -34.26 12.42 -9.81
CA GLU B 4 -32.89 12.92 -9.86
C GLU B 4 -32.40 13.27 -8.45
N LEU B 5 -31.30 12.65 -8.02
CA LEU B 5 -30.72 12.93 -6.71
C LEU B 5 -29.86 14.19 -6.76
N ASN B 6 -29.74 14.87 -5.62
CA ASN B 6 -29.04 16.13 -5.53
C ASN B 6 -27.52 16.01 -5.70
N VAL B 7 -26.94 16.91 -6.48
CA VAL B 7 -25.50 17.10 -6.52
C VAL B 7 -24.98 17.46 -5.13
N GLY B 8 -23.86 16.86 -4.72
CA GLY B 8 -23.25 17.18 -3.45
C GLY B 8 -23.58 16.21 -2.33
N ARG B 9 -24.59 15.37 -2.55
CA ARG B 9 -24.89 14.29 -1.61
C ARG B 9 -23.75 13.27 -1.65
N LYS B 10 -23.30 12.84 -0.47
CA LYS B 10 -22.18 11.93 -0.34
C LYS B 10 -22.39 10.89 0.77
N VAL B 11 -22.10 9.62 0.46
CA VAL B 11 -22.11 8.56 1.46
C VAL B 11 -20.75 7.88 1.57
N THR B 12 -20.47 7.32 2.73
CA THR B 12 -19.26 6.57 2.99
C THR B 12 -19.64 5.18 3.47
N VAL B 13 -19.29 4.18 2.68
CA VAL B 13 -19.65 2.81 3.01
C VAL B 13 -18.46 2.00 3.50
N THR B 14 -18.62 1.33 4.63
CA THR B 14 -17.61 0.41 5.15
C THR B 14 -18.12 -1.01 5.12
N VAL B 15 -17.48 -1.85 4.33
CA VAL B 15 -17.93 -3.22 4.10
C VAL B 15 -16.91 -4.24 4.56
N PRO B 16 -17.35 -5.31 5.25
CA PRO B 16 -16.41 -6.35 5.64
C PRO B 16 -16.24 -7.40 4.55
N GLY B 17 -15.09 -8.06 4.56
CA GLY B 17 -14.88 -9.23 3.73
C GLY B 17 -15.58 -10.42 4.37
N SER B 18 -15.40 -11.61 3.80
CA SER B 18 -16.11 -12.77 4.29
C SER B 18 -15.47 -14.08 3.87
N SER B 19 -15.80 -15.14 4.62
CA SER B 19 -15.35 -16.50 4.30
C SER B 19 -16.54 -17.39 3.99
N ALA B 20 -16.48 -18.14 2.90
CA ALA B 20 -17.60 -18.96 2.49
C ALA B 20 -17.34 -20.45 2.71
N ASN B 21 -18.41 -21.24 2.64
CA ASN B 21 -18.39 -22.71 2.75
C ASN B 21 -18.17 -23.23 4.17
N LEU B 22 -17.13 -22.75 4.84
CA LEU B 22 -16.85 -23.13 6.23
C LEU B 22 -16.72 -24.66 6.39
N GLY B 23 -16.23 -25.31 5.35
CA GLY B 23 -16.12 -26.76 5.34
C GLY B 23 -17.18 -27.37 4.44
N PRO B 24 -18.25 -27.91 5.04
CA PRO B 24 -19.31 -28.64 4.32
C PRO B 24 -20.40 -27.74 3.75
N GLY B 25 -20.56 -26.54 4.27
CA GLY B 25 -21.62 -25.66 3.81
C GLY B 25 -21.36 -24.99 2.46
N PHE B 26 -20.98 -25.78 1.47
CA PHE B 26 -20.67 -25.29 0.13
C PHE B 26 -21.84 -24.52 -0.50
N ASP B 27 -21.54 -23.31 -0.97
CA ASP B 27 -22.51 -22.38 -1.52
C ASP B 27 -23.67 -22.05 -0.58
N THR B 28 -23.42 -22.09 0.73
CA THR B 28 -24.48 -21.78 1.69
C THR B 28 -24.02 -20.95 2.87
N LEU B 29 -23.05 -21.48 3.61
CA LEU B 29 -22.55 -20.81 4.79
C LEU B 29 -21.58 -19.70 4.43
N GLY B 30 -21.61 -18.63 5.21
CA GLY B 30 -20.70 -17.52 5.05
C GLY B 30 -20.52 -16.80 6.38
N LEU B 31 -19.33 -16.24 6.57
CA LEU B 31 -18.98 -15.55 7.80
C LEU B 31 -18.29 -14.22 7.52
N ALA B 32 -18.81 -13.13 8.07
CA ALA B 32 -18.21 -11.80 7.86
C ALA B 32 -16.98 -11.62 8.73
N LEU B 33 -15.91 -11.08 8.14
CA LEU B 33 -14.61 -10.95 8.81
C LEU B 33 -14.12 -9.52 8.90
N SER B 34 -13.32 -9.27 9.93
CA SER B 34 -12.88 -7.91 10.30
C SER B 34 -11.72 -7.38 9.45
N VAL B 35 -11.87 -7.49 8.13
CA VAL B 35 -11.00 -6.80 7.19
C VAL B 35 -11.92 -6.08 6.19
N TYR B 36 -11.62 -4.82 5.91
CA TYR B 36 -12.64 -3.94 5.33
C TYR B 36 -12.25 -3.20 4.05
N ASP B 37 -13.26 -2.95 3.20
CA ASP B 37 -13.17 -1.96 2.14
C ASP B 37 -13.98 -0.71 2.53
N THR B 38 -13.44 0.46 2.18
CA THR B 38 -14.13 1.73 2.36
C THR B 38 -14.46 2.34 1.00
N VAL B 39 -15.74 2.64 0.77
CA VAL B 39 -16.19 3.18 -0.51
C VAL B 39 -16.90 4.51 -0.29
N GLU B 40 -16.34 5.59 -0.80
CA GLU B 40 -17.03 6.88 -0.75
C GLU B 40 -17.63 7.24 -2.10
N VAL B 41 -18.89 7.63 -2.08
CA VAL B 41 -19.60 7.97 -3.31
C VAL B 41 -20.21 9.33 -3.15
N GLU B 42 -19.98 10.18 -4.14
CA GLU B 42 -20.47 11.55 -4.12
C GLU B 42 -21.10 11.87 -5.47
N ILE B 43 -22.26 12.48 -5.45
CA ILE B 43 -22.91 12.86 -6.68
C ILE B 43 -22.28 14.16 -7.17
N ILE B 44 -21.82 14.17 -8.42
CA ILE B 44 -21.21 15.37 -8.97
C ILE B 44 -21.95 15.80 -10.25
N PRO B 45 -21.75 17.05 -10.69
CA PRO B 45 -22.54 17.56 -11.82
C PRO B 45 -22.43 16.72 -13.10
N SER B 46 -21.28 16.11 -13.33
CA SER B 46 -21.05 15.52 -14.64
C SER B 46 -19.96 14.43 -14.67
N GLY B 47 -20.13 13.47 -15.56
CA GLY B 47 -19.16 12.41 -15.75
C GLY B 47 -19.05 11.40 -14.62
N LEU B 48 -18.26 10.36 -14.88
CA LEU B 48 -17.99 9.30 -13.91
C LEU B 48 -16.52 9.33 -13.55
N GLU B 49 -16.24 9.37 -12.26
CA GLU B 49 -14.89 9.35 -11.74
C GLU B 49 -14.75 8.25 -10.69
N VAL B 50 -13.91 7.27 -10.99
CA VAL B 50 -13.72 6.12 -10.13
C VAL B 50 -12.25 5.95 -9.80
N GLU B 51 -11.95 5.85 -8.51
CA GLU B 51 -10.59 5.63 -8.05
C GLU B 51 -10.51 4.43 -7.11
N VAL B 52 -9.52 3.57 -7.30
CA VAL B 52 -9.39 2.47 -6.36
C VAL B 52 -7.94 2.42 -5.88
N PHE B 53 -7.78 2.46 -4.56
CA PHE B 53 -6.47 2.39 -3.94
C PHE B 53 -6.37 1.21 -2.97
N GLY B 54 -5.16 0.88 -2.55
CA GLY B 54 -5.03 -0.10 -1.48
C GLY B 54 -3.99 -1.15 -1.70
N GLU B 55 -3.37 -1.18 -2.88
CA GLU B 55 -2.35 -2.16 -3.12
C GLU B 55 -1.03 -1.68 -2.47
N GLY B 56 -0.03 -2.54 -2.39
CA GLY B 56 1.23 -2.08 -1.79
C GLY B 56 1.97 -1.16 -2.74
N GLN B 57 2.94 -0.42 -2.22
N GLN B 57 2.96 -0.44 -2.22
CA GLN B 57 3.88 0.34 -3.05
CA GLN B 57 3.84 0.37 -3.07
C GLN B 57 4.37 -0.55 -4.18
C GLN B 57 4.45 -0.50 -4.16
N GLY B 58 4.42 0.00 -5.39
CA GLY B 58 4.99 -0.71 -6.53
C GLY B 58 4.14 -1.83 -7.10
N GLU B 59 3.02 -2.16 -6.45
CA GLU B 59 2.19 -3.25 -6.97
C GLU B 59 1.21 -2.74 -8.02
N VAL B 60 0.79 -3.66 -8.89
CA VAL B 60 -0.26 -3.40 -9.88
C VAL B 60 -1.54 -2.98 -9.17
N PRO B 61 -2.30 -2.03 -9.73
CA PRO B 61 -3.52 -1.57 -9.04
C PRO B 61 -4.60 -2.64 -8.86
N LEU B 62 -5.46 -2.46 -7.85
CA LEU B 62 -6.48 -3.45 -7.51
C LEU B 62 -7.66 -3.50 -8.49
N ASP B 63 -8.43 -4.59 -8.38
CA ASP B 63 -9.63 -4.81 -9.18
C ASP B 63 -10.89 -4.34 -8.45
N GLY B 64 -12.02 -4.37 -9.16
CA GLY B 64 -13.30 -4.19 -8.52
C GLY B 64 -13.92 -2.83 -8.72
N SER B 65 -13.19 -1.91 -9.35
CA SER B 65 -13.74 -0.59 -9.57
C SER B 65 -15.00 -0.68 -10.48
N HIS B 66 -14.96 -1.57 -11.47
CA HIS B 66 -16.11 -1.73 -12.37
C HIS B 66 -17.28 -2.42 -11.68
N LEU B 67 -16.98 -3.39 -10.84
CA LEU B 67 -18.01 -4.05 -10.04
C LEU B 67 -18.74 -3.04 -9.14
N VAL B 68 -17.99 -2.18 -8.45
CA VAL B 68 -18.63 -1.22 -7.55
C VAL B 68 -19.56 -0.31 -8.35
N VAL B 69 -19.09 0.16 -9.50
CA VAL B 69 -19.90 1.01 -10.39
C VAL B 69 -21.14 0.26 -10.90
N LYS B 70 -20.95 -0.96 -11.41
CA LYS B 70 -22.09 -1.81 -11.80
C LYS B 70 -23.12 -1.91 -10.68
N ALA B 71 -22.65 -2.18 -9.47
CA ALA B 71 -23.52 -2.33 -8.31
C ALA B 71 -24.23 -1.03 -7.96
N ILE B 72 -23.52 0.09 -8.04
CA ILE B 72 -24.16 1.37 -7.80
C ILE B 72 -25.28 1.60 -8.81
N ARG B 73 -25.02 1.29 -10.08
CA ARG B 73 -26.02 1.52 -11.12
C ARG B 73 -27.26 0.68 -10.84
N ALA B 74 -27.05 -0.61 -10.58
CA ALA B 74 -28.15 -1.53 -10.32
C ALA B 74 -28.92 -1.15 -9.05
N GLY B 75 -28.23 -0.55 -8.09
CA GLY B 75 -28.88 -0.10 -6.88
C GLY B 75 -29.67 1.17 -7.12
N LEU B 76 -29.19 1.99 -8.05
CA LEU B 76 -29.89 3.23 -8.38
C LEU B 76 -31.15 2.92 -9.16
N LYS B 77 -31.04 1.97 -10.08
CA LYS B 77 -32.18 1.48 -10.85
C LYS B 77 -33.30 0.99 -9.94
N ALA B 78 -32.94 0.09 -9.01
CA ALA B 78 -33.88 -0.48 -8.06
C ALA B 78 -34.46 0.58 -7.12
N ALA B 79 -33.69 1.61 -6.82
CA ALA B 79 -34.19 2.70 -5.97
C ALA B 79 -34.98 3.71 -6.80
N ASP B 80 -35.13 3.42 -8.08
CA ASP B 80 -35.74 4.35 -9.03
C ASP B 80 -35.12 5.73 -8.88
N ALA B 81 -33.79 5.76 -8.80
CA ALA B 81 -33.06 7.01 -8.66
C ALA B 81 -32.13 7.23 -9.85
N GLU B 82 -31.73 8.47 -10.07
CA GLU B 82 -30.88 8.81 -11.20
C GLU B 82 -29.86 9.86 -10.77
N VAL B 83 -28.69 9.88 -11.41
CA VAL B 83 -27.70 10.89 -11.05
C VAL B 83 -27.09 11.52 -12.30
N PRO B 84 -26.65 12.78 -12.21
CA PRO B 84 -26.00 13.42 -13.34
C PRO B 84 -24.52 13.01 -13.44
N GLY B 85 -23.94 12.69 -12.29
CA GLY B 85 -22.57 12.20 -12.25
C GLY B 85 -22.17 11.62 -10.89
N LEU B 86 -21.12 10.79 -10.90
CA LEU B 86 -20.65 10.09 -9.71
C LEU B 86 -19.15 10.24 -9.54
N ARG B 87 -18.73 10.52 -8.31
CA ARG B 87 -17.35 10.33 -7.90
C ARG B 87 -17.28 9.18 -6.91
N VAL B 88 -16.59 8.12 -7.29
CA VAL B 88 -16.42 6.90 -6.49
C VAL B 88 -14.97 6.68 -6.08
N VAL B 89 -14.71 6.69 -4.78
CA VAL B 89 -13.36 6.48 -4.25
C VAL B 89 -13.31 5.26 -3.33
N CYS B 90 -12.50 4.26 -3.69
CA CYS B 90 -12.36 3.06 -2.87
C CYS B 90 -10.99 2.95 -2.23
N HIS B 91 -10.97 2.64 -0.94
CA HIS B 91 -9.75 2.19 -0.25
C HIS B 91 -9.98 0.77 0.23
N ASN B 92 -9.39 -0.18 -0.47
CA ASN B 92 -9.61 -1.60 -0.20
C ASN B 92 -8.54 -2.27 0.64
N ASN B 93 -8.93 -2.89 1.75
CA ASN B 93 -7.98 -3.70 2.52
C ASN B 93 -8.22 -5.19 2.38
N ILE B 94 -9.34 -5.59 1.78
CA ILE B 94 -9.61 -7.01 1.62
C ILE B 94 -8.75 -7.57 0.49
N PRO B 95 -7.91 -8.56 0.82
CA PRO B 95 -7.08 -9.14 -0.24
C PRO B 95 -7.93 -9.84 -1.29
N GLN B 96 -7.57 -9.64 -2.53
CA GLN B 96 -8.36 -10.11 -3.66
C GLN B 96 -7.93 -11.49 -4.14
N SER B 97 -8.87 -12.24 -4.70
CA SER B 97 -8.62 -13.56 -5.25
C SER B 97 -7.94 -14.49 -4.25
N ARG B 98 -8.32 -14.39 -2.98
CA ARG B 98 -7.69 -15.21 -1.96
C ARG B 98 -8.71 -15.80 -1.01
N GLY B 99 -9.95 -15.92 -1.49
CA GLY B 99 -11.02 -16.57 -0.77
C GLY B 99 -11.60 -15.77 0.38
N LEU B 100 -11.38 -14.46 0.38
CA LEU B 100 -11.85 -13.61 1.47
C LEU B 100 -12.96 -12.62 1.05
N GLY B 101 -13.62 -12.93 -0.06
CA GLY B 101 -14.83 -12.23 -0.47
C GLY B 101 -14.70 -10.76 -0.86
N SER B 102 -13.60 -10.42 -1.52
CA SER B 102 -13.36 -9.05 -1.96
C SER B 102 -14.40 -8.59 -3.01
N SER B 103 -14.63 -9.43 -4.01
CA SER B 103 -15.55 -9.15 -5.09
C SER B 103 -16.98 -8.92 -4.58
N ALA B 104 -17.47 -9.88 -3.79
CA ALA B 104 -18.80 -9.76 -3.21
C ALA B 104 -18.95 -8.49 -2.36
N ALA B 105 -17.91 -8.15 -1.60
CA ALA B 105 -17.96 -6.97 -0.76
C ALA B 105 -18.07 -5.68 -1.58
N ALA B 106 -17.39 -5.68 -2.73
CA ALA B 106 -17.45 -4.53 -3.62
C ALA B 106 -18.86 -4.37 -4.16
N ALA B 107 -19.50 -5.48 -4.50
CA ALA B 107 -20.89 -5.43 -4.98
C ALA B 107 -21.80 -4.89 -3.88
N VAL B 108 -21.62 -5.41 -2.66
CA VAL B 108 -22.41 -4.96 -1.52
C VAL B 108 -22.21 -3.48 -1.27
N ALA B 109 -20.95 -3.03 -1.30
CA ALA B 109 -20.64 -1.62 -1.12
C ALA B 109 -21.40 -0.70 -2.10
N GLY B 110 -21.39 -1.09 -3.37
CA GLY B 110 -22.06 -0.30 -4.39
C GLY B 110 -23.56 -0.17 -4.23
N VAL B 111 -24.25 -1.30 -4.03
CA VAL B 111 -25.69 -1.29 -3.79
C VAL B 111 -26.03 -0.53 -2.52
N ALA B 112 -25.25 -0.72 -1.47
CA ALA B 112 -25.47 -0.02 -0.22
C ALA B 112 -25.23 1.48 -0.34
N ALA B 113 -24.21 1.86 -1.11
CA ALA B 113 -23.94 3.27 -1.35
C ALA B 113 -25.09 3.90 -2.12
N ALA B 114 -25.51 3.22 -3.17
CA ALA B 114 -26.64 3.64 -3.99
C ALA B 114 -27.87 3.80 -3.11
N ASN B 115 -28.15 2.78 -2.30
CA ASN B 115 -29.28 2.84 -1.38
C ASN B 115 -29.24 4.07 -0.49
N GLY B 116 -28.08 4.34 0.11
CA GLY B 116 -27.93 5.49 1.00
C GLY B 116 -28.03 6.84 0.31
N LEU B 117 -27.53 6.91 -0.92
CA LEU B 117 -27.66 8.09 -1.74
C LEU B 117 -29.14 8.42 -2.01
N ALA B 118 -29.91 7.37 -2.30
CA ALA B 118 -31.34 7.49 -2.59
C ALA B 118 -32.22 7.56 -1.34
N ASP B 119 -31.58 7.84 -0.20
CA ASP B 119 -32.24 7.92 1.11
C ASP B 119 -32.86 6.60 1.59
N PHE B 120 -32.16 5.49 1.34
CA PHE B 120 -32.51 4.16 1.87
C PHE B 120 -33.92 3.65 1.60
N PRO B 121 -34.34 3.57 0.34
CA PRO B 121 -35.66 2.97 0.09
C PRO B 121 -35.63 1.45 0.01
N LEU B 122 -34.45 0.85 0.06
CA LEU B 122 -34.34 -0.58 -0.15
C LEU B 122 -34.35 -1.36 1.15
N THR B 123 -34.93 -2.55 1.11
CA THR B 123 -34.92 -3.44 2.25
C THR B 123 -33.62 -4.23 2.27
N GLN B 124 -33.27 -4.73 3.45
CA GLN B 124 -32.08 -5.54 3.58
C GLN B 124 -32.13 -6.72 2.62
N GLU B 125 -33.32 -7.30 2.46
CA GLU B 125 -33.54 -8.45 1.59
C GLU B 125 -33.28 -8.11 0.11
N GLN B 126 -33.67 -6.91 -0.31
CA GLN B 126 -33.44 -6.45 -1.69
C GLN B 126 -31.96 -6.26 -1.96
N ILE B 127 -31.25 -5.75 -0.96
CA ILE B 127 -29.82 -5.48 -1.08
C ILE B 127 -29.05 -6.79 -1.22
N VAL B 128 -29.46 -7.82 -0.48
CA VAL B 128 -28.89 -9.16 -0.67
C VAL B 128 -29.12 -9.68 -2.09
N GLN B 129 -30.34 -9.51 -2.59
CA GLN B 129 -30.68 -9.97 -3.92
C GLN B 129 -29.82 -9.29 -4.99
N LEU B 130 -29.80 -7.96 -4.95
CA LEU B 130 -29.03 -7.16 -5.89
C LEU B 130 -27.54 -7.48 -5.87
N SER B 131 -26.93 -7.43 -4.69
CA SER B 131 -25.49 -7.64 -4.61
C SER B 131 -25.06 -9.08 -4.88
N SER B 132 -25.94 -10.06 -4.64
CA SER B 132 -25.59 -11.46 -4.89
C SER B 132 -25.64 -11.82 -6.38
N ALA B 133 -26.40 -11.02 -7.13
CA ALA B 133 -26.61 -11.28 -8.55
C ALA B 133 -25.32 -11.16 -9.32
N PHE B 134 -24.46 -10.23 -8.93
CA PHE B 134 -23.19 -10.05 -9.63
C PHE B 134 -22.25 -11.24 -9.45
N GLU B 135 -22.38 -11.96 -8.33
CA GLU B 135 -21.47 -13.06 -8.03
C GLU B 135 -22.06 -14.45 -8.25
N GLY B 136 -23.36 -14.61 -8.03
CA GLY B 136 -23.93 -15.93 -7.91
C GLY B 136 -23.47 -16.62 -6.62
N HIS B 137 -22.92 -15.83 -5.72
CA HIS B 137 -22.38 -16.33 -4.45
C HIS B 137 -22.95 -15.52 -3.29
N PRO B 138 -24.23 -15.76 -2.96
CA PRO B 138 -24.86 -15.04 -1.85
C PRO B 138 -24.23 -15.34 -0.51
N ASP B 139 -23.48 -16.44 -0.39
CA ASP B 139 -22.89 -16.74 0.91
C ASP B 139 -21.93 -15.60 1.28
N ASN B 140 -21.05 -15.22 0.36
CA ASN B 140 -20.18 -14.07 0.60
C ASN B 140 -20.97 -12.77 0.70
N ALA B 141 -21.82 -12.51 -0.29
CA ALA B 141 -22.59 -11.26 -0.33
C ALA B 141 -23.46 -11.06 0.91
N ALA B 142 -24.21 -12.10 1.28
CA ALA B 142 -25.11 -11.98 2.43
C ALA B 142 -24.34 -11.74 3.72
N ALA B 143 -23.20 -12.38 3.83
CA ALA B 143 -22.31 -12.15 4.97
C ALA B 143 -21.92 -10.68 5.07
N SER B 144 -21.49 -10.10 3.96
CA SER B 144 -21.05 -8.71 3.97
C SER B 144 -22.21 -7.76 4.27
N VAL B 145 -23.42 -8.16 3.88
CA VAL B 145 -24.58 -7.31 4.16
C VAL B 145 -25.04 -7.46 5.61
N LEU B 146 -25.32 -8.70 6.02
CA LEU B 146 -25.90 -8.97 7.34
C LEU B 146 -24.90 -8.95 8.49
N GLY B 147 -23.64 -9.28 8.20
CA GLY B 147 -22.64 -9.43 9.25
C GLY B 147 -22.73 -10.84 9.83
N GLY B 148 -21.92 -11.10 10.85
CA GLY B 148 -21.92 -12.37 11.54
C GLY B 148 -21.80 -13.57 10.64
N ALA B 149 -22.46 -14.66 11.01
CA ALA B 149 -22.55 -15.82 10.15
C ALA B 149 -23.92 -15.81 9.50
N VAL B 150 -24.01 -16.38 8.30
CA VAL B 150 -25.28 -16.40 7.59
C VAL B 150 -25.51 -17.74 6.94
N VAL B 151 -26.79 -18.07 6.75
CA VAL B 151 -27.17 -19.19 5.90
C VAL B 151 -27.88 -18.62 4.71
N SER B 152 -27.41 -18.96 3.52
CA SER B 152 -27.95 -18.39 2.30
C SER B 152 -28.40 -19.50 1.37
N TRP B 153 -29.45 -19.28 0.62
CA TRP B 153 -29.77 -20.27 -0.39
C TRP B 153 -29.84 -19.60 -1.75
N THR B 154 -28.79 -19.90 -2.52
CA THR B 154 -28.61 -19.43 -3.89
C THR B 154 -29.72 -19.94 -4.78
N ASN B 155 -30.36 -21.01 -4.33
CA ASN B 155 -31.41 -21.63 -5.12
C ASN B 155 -32.68 -20.79 -5.07
N LEU B 156 -33.80 -21.42 -5.41
CA LEU B 156 -34.94 -20.69 -5.98
C LEU B 156 -34.44 -20.06 -7.27
N SER B 157 -34.03 -20.91 -8.21
CA SER B 157 -33.59 -20.47 -9.53
C SER B 157 -34.79 -20.11 -10.41
N ILE B 158 -35.67 -19.26 -9.86
CA ILE B 158 -36.95 -18.90 -10.47
C ILE B 158 -36.83 -18.46 -11.93
N ASP B 159 -37.31 -19.28 -12.86
CA ASP B 159 -37.86 -20.61 -12.60
C ASP B 159 -37.57 -21.46 -13.83
N GLY B 160 -37.41 -20.75 -14.95
CA GLY B 160 -37.14 -21.37 -16.24
C GLY B 160 -37.78 -20.52 -17.33
N LYS B 161 -37.13 -19.42 -17.70
CA LYS B 161 -35.84 -19.02 -17.15
C LYS B 161 -35.73 -17.52 -16.94
N SER B 162 -35.32 -17.11 -15.75
CA SER B 162 -35.07 -15.70 -15.45
C SER B 162 -34.07 -15.55 -14.30
N GLN B 163 -34.11 -14.40 -13.62
CA GLN B 163 -33.18 -14.09 -12.55
C GLN B 163 -33.48 -14.90 -11.28
N PRO B 164 -32.52 -15.73 -10.85
CA PRO B 164 -32.68 -16.52 -9.63
C PRO B 164 -32.81 -15.63 -8.40
N GLN B 165 -33.63 -16.01 -7.44
CA GLN B 165 -33.73 -15.26 -6.20
C GLN B 165 -32.64 -15.70 -5.22
N TYR B 166 -32.00 -14.73 -4.58
CA TYR B 166 -30.99 -15.00 -3.55
C TYR B 166 -31.49 -14.51 -2.19
N ALA B 167 -31.42 -15.36 -1.17
CA ALA B 167 -31.87 -14.98 0.15
C ALA B 167 -30.95 -15.52 1.23
N ALA B 168 -31.07 -14.96 2.42
CA ALA B 168 -30.25 -15.42 3.53
C ALA B 168 -30.82 -14.98 4.85
N VAL B 169 -30.37 -15.65 5.90
CA VAL B 169 -30.79 -15.36 7.26
C VAL B 169 -29.57 -15.38 8.17
N PRO B 170 -29.60 -14.56 9.22
CA PRO B 170 -28.50 -14.52 10.18
C PRO B 170 -28.48 -15.72 11.13
N LEU B 171 -27.29 -16.27 11.37
CA LEU B 171 -27.05 -17.15 12.51
C LEU B 171 -26.47 -16.32 13.63
N GLU B 172 -26.63 -16.76 14.87
CA GLU B 172 -25.97 -16.06 15.97
C GLU B 172 -24.72 -16.82 16.37
N VAL B 173 -23.56 -16.19 16.18
CA VAL B 173 -22.29 -16.83 16.47
C VAL B 173 -21.87 -16.57 17.91
N GLN B 174 -21.23 -17.56 18.53
CA GLN B 174 -20.58 -17.38 19.82
C GLN B 174 -19.56 -16.23 19.79
N ASP B 175 -19.61 -15.36 20.78
CA ASP B 175 -18.72 -14.18 20.83
C ASP B 175 -17.24 -14.50 20.88
N ASN B 176 -16.88 -15.66 21.42
CA ASN B 176 -15.47 -15.97 21.62
C ASN B 176 -14.86 -16.72 20.43
N ILE B 177 -15.62 -16.81 19.35
CA ILE B 177 -15.13 -17.45 18.14
C ILE B 177 -14.35 -16.45 17.28
N ARG B 178 -13.12 -16.82 16.95
CA ARG B 178 -12.25 -16.00 16.12
C ARG B 178 -11.84 -16.79 14.88
N ALA B 179 -11.32 -16.07 13.90
CA ALA B 179 -10.90 -16.67 12.65
C ALA B 179 -9.47 -16.28 12.38
N THR B 180 -8.67 -17.26 11.97
CA THR B 180 -7.29 -17.00 11.65
C THR B 180 -7.07 -17.46 10.22
N ALA B 181 -6.79 -16.50 9.35
CA ALA B 181 -6.60 -16.82 7.95
C ALA B 181 -5.12 -17.03 7.65
N LEU B 182 -4.85 -18.06 6.86
CA LEU B 182 -3.52 -18.35 6.35
C LEU B 182 -3.51 -18.09 4.85
N VAL B 183 -2.95 -16.94 4.45
CA VAL B 183 -3.01 -16.51 3.06
C VAL B 183 -1.66 -16.66 2.36
N PRO B 184 -1.60 -17.51 1.33
CA PRO B 184 -0.36 -17.71 0.56
C PRO B 184 0.04 -16.44 -0.19
N ASN B 185 1.05 -15.74 0.32
CA ASN B 185 1.50 -14.49 -0.30
C ASN B 185 2.49 -14.73 -1.44
N ALA B 188 -1.26 -18.19 -4.90
CA ALA B 188 -1.71 -19.07 -5.98
C ALA B 188 -2.93 -18.50 -6.72
N SER B 189 -4.08 -19.17 -6.56
CA SER B 189 -5.40 -18.68 -6.99
C SER B 189 -5.65 -18.66 -8.51
N THR B 190 -5.26 -19.72 -9.20
CA THR B 190 -5.60 -19.88 -10.62
C THR B 190 -7.05 -20.35 -10.75
N GLU B 191 -7.84 -19.62 -11.55
CA GLU B 191 -9.29 -19.77 -11.52
C GLU B 191 -9.75 -20.90 -12.47
N ALA B 192 -11.05 -20.93 -12.77
CA ALA B 192 -11.77 -22.05 -13.38
C ALA B 192 -11.82 -23.24 -12.41
N VAL B 193 -11.78 -22.94 -11.11
CA VAL B 193 -11.56 -23.95 -10.06
C VAL B 193 -12.70 -24.96 -9.89
N ARG B 194 -13.68 -24.94 -10.78
CA ARG B 194 -14.65 -26.03 -10.80
C ARG B 194 -14.22 -27.09 -11.81
N ARG B 195 -12.92 -27.12 -12.13
CA ARG B 195 -12.33 -28.23 -12.88
C ARG B 195 -12.58 -29.49 -12.09
N VAL B 196 -12.32 -29.37 -10.80
CA VAL B 196 -12.27 -30.49 -9.89
C VAL B 196 -13.65 -30.86 -9.35
N LEU B 197 -14.59 -29.92 -9.44
CA LEU B 197 -15.96 -30.19 -8.98
C LEU B 197 -16.65 -31.10 -9.99
N PRO B 198 -16.92 -32.34 -9.57
CA PRO B 198 -17.49 -33.36 -10.45
C PRO B 198 -18.93 -33.03 -10.83
N THR B 199 -19.44 -33.75 -11.83
CA THR B 199 -20.82 -33.60 -12.23
C THR B 199 -21.71 -34.31 -11.21
N GLU B 200 -21.19 -35.41 -10.66
CA GLU B 200 -21.92 -36.20 -9.68
C GLU B 200 -21.03 -36.57 -8.52
N VAL B 201 -21.65 -37.08 -7.46
CA VAL B 201 -20.94 -37.47 -6.25
C VAL B 201 -21.76 -38.57 -5.59
N THR B 202 -21.13 -39.40 -4.75
CA THR B 202 -21.85 -40.52 -4.17
C THR B 202 -22.83 -40.08 -3.08
N HIS B 203 -24.00 -40.71 -3.09
CA HIS B 203 -25.07 -40.48 -2.12
C HIS B 203 -24.55 -40.48 -0.69
N ILE B 204 -23.50 -41.28 -0.45
CA ILE B 204 -22.88 -41.40 0.85
C ILE B 204 -22.08 -40.13 1.21
N ASP B 205 -21.37 -39.57 0.23
CA ASP B 205 -20.63 -38.33 0.45
C ASP B 205 -21.64 -37.19 0.61
N ALA B 206 -22.71 -37.23 -0.16
CA ALA B 206 -23.77 -36.23 -0.03
C ALA B 206 -24.40 -36.33 1.37
N ARG B 207 -24.59 -37.56 1.83
CA ARG B 207 -25.09 -37.84 3.17
C ARG B 207 -24.24 -37.15 4.22
N PHE B 208 -22.93 -37.35 4.12
CA PHE B 208 -21.95 -36.83 5.06
C PHE B 208 -22.04 -35.32 5.26
N ASN B 209 -22.02 -34.58 4.15
CA ASN B 209 -22.03 -33.11 4.22
C ASN B 209 -23.30 -32.56 4.84
N VAL B 210 -24.43 -33.18 4.53
CA VAL B 210 -25.72 -32.75 5.08
C VAL B 210 -25.71 -32.82 6.62
N SER B 211 -25.06 -33.85 7.17
CA SER B 211 -25.00 -33.97 8.62
C SER B 211 -23.98 -33.00 9.21
N ARG B 212 -22.89 -32.77 8.49
CA ARG B 212 -21.80 -31.94 9.01
C ARG B 212 -22.11 -30.43 8.94
N VAL B 213 -22.80 -29.98 7.90
CA VAL B 213 -23.21 -28.60 7.85
C VAL B 213 -24.17 -28.32 9.02
N ALA B 214 -24.95 -29.33 9.40
CA ALA B 214 -25.90 -29.24 10.50
C ALA B 214 -25.16 -29.18 11.84
N VAL B 215 -24.16 -30.04 11.99
CA VAL B 215 -23.28 -29.96 13.15
C VAL B 215 -22.62 -28.59 13.24
N MET B 216 -22.22 -28.05 12.09
CA MET B 216 -21.51 -26.78 12.02
C MET B 216 -22.36 -25.61 12.56
N ILE B 217 -23.62 -25.55 12.17
CA ILE B 217 -24.54 -24.51 12.65
C ILE B 217 -24.61 -24.51 14.17
N VAL B 218 -24.81 -25.69 14.75
CA VAL B 218 -24.81 -25.84 16.20
C VAL B 218 -23.45 -25.45 16.79
N ALA B 219 -22.37 -25.86 16.12
CA ALA B 219 -21.02 -25.51 16.58
C ALA B 219 -20.84 -24.00 16.66
N LEU B 220 -21.28 -23.30 15.63
CA LEU B 220 -21.17 -21.84 15.57
C LEU B 220 -22.01 -21.14 16.63
N GLN B 221 -23.20 -21.67 16.90
CA GLN B 221 -24.14 -20.98 17.79
C GLN B 221 -23.89 -21.25 19.27
N GLN B 222 -23.48 -22.47 19.61
CA GLN B 222 -23.45 -22.82 21.02
C GLN B 222 -22.38 -23.83 21.43
N ARG B 223 -21.76 -24.50 20.47
CA ARG B 223 -20.79 -25.52 20.86
C ARG B 223 -19.53 -25.56 19.99
N PRO B 224 -18.59 -24.66 20.29
CA PRO B 224 -17.31 -24.53 19.57
C PRO B 224 -16.40 -25.75 19.69
N ASP B 225 -16.75 -26.69 20.54
CA ASP B 225 -15.98 -27.93 20.64
C ASP B 225 -16.32 -28.83 19.46
N LEU B 226 -17.36 -28.46 18.72
CA LEU B 226 -17.79 -29.24 17.56
C LEU B 226 -17.40 -28.61 16.23
N LEU B 227 -16.69 -27.48 16.30
CA LEU B 227 -16.17 -26.81 15.10
C LEU B 227 -15.35 -27.76 14.24
N TRP B 228 -14.52 -28.56 14.92
CA TRP B 228 -13.65 -29.52 14.25
C TRP B 228 -14.48 -30.50 13.44
N GLU B 229 -15.47 -31.10 14.08
CA GLU B 229 -16.36 -32.05 13.41
C GLU B 229 -17.15 -31.34 12.32
N GLY B 230 -17.60 -30.13 12.64
CA GLY B 230 -18.45 -29.38 11.74
C GLY B 230 -17.79 -28.91 10.45
N THR B 231 -16.47 -28.88 10.41
CA THR B 231 -15.76 -28.32 9.28
C THR B 231 -15.26 -29.38 8.30
N ARG B 232 -15.69 -30.62 8.47
CA ARG B 232 -15.30 -31.70 7.58
C ARG B 232 -16.10 -31.65 6.29
N ASP B 233 -15.49 -32.05 5.18
CA ASP B 233 -16.16 -31.96 3.89
C ASP B 233 -15.76 -33.04 2.91
N ARG B 234 -16.70 -33.41 2.05
CA ARG B 234 -16.43 -34.36 0.99
C ARG B 234 -17.05 -33.92 -0.34
N LEU B 235 -17.46 -32.65 -0.43
CA LEU B 235 -18.14 -32.17 -1.65
C LEU B 235 -17.33 -31.21 -2.52
N HIS B 236 -16.29 -30.58 -1.96
CA HIS B 236 -15.45 -29.71 -2.78
C HIS B 236 -13.99 -29.72 -2.36
N GLN B 237 -13.72 -29.71 -1.06
CA GLN B 237 -12.35 -29.69 -0.54
C GLN B 237 -11.42 -30.85 -0.97
N PRO B 238 -11.93 -32.09 -1.09
CA PRO B 238 -10.98 -33.12 -1.54
C PRO B 238 -10.64 -32.97 -3.01
N TYR B 239 -11.51 -32.33 -3.77
CA TYR B 239 -11.29 -32.13 -5.18
C TYR B 239 -10.38 -30.92 -5.41
N ARG B 240 -10.61 -29.85 -4.65
CA ARG B 240 -9.75 -28.67 -4.76
C ARG B 240 -8.36 -28.94 -4.19
N ALA B 241 -8.27 -29.97 -3.36
CA ALA B 241 -6.99 -30.41 -2.80
C ALA B 241 -6.02 -30.79 -3.92
N GLU B 242 -6.58 -31.30 -5.01
CA GLU B 242 -5.79 -31.65 -6.20
C GLU B 242 -5.07 -30.42 -6.77
N VAL B 243 -5.83 -29.36 -7.03
CA VAL B 243 -5.28 -28.13 -7.61
C VAL B 243 -4.57 -27.28 -6.55
N LEU B 244 -4.96 -27.45 -5.30
CA LEU B 244 -4.36 -26.66 -4.22
C LEU B 244 -3.66 -27.50 -3.16
N PRO B 245 -2.52 -28.13 -3.51
CA PRO B 245 -1.68 -28.69 -2.45
C PRO B 245 -1.04 -27.55 -1.67
N ILE B 246 -0.17 -27.87 -0.72
CA ILE B 246 0.37 -26.87 0.20
C ILE B 246 -0.76 -26.24 1.04
N THR B 247 -1.81 -25.77 0.39
CA THR B 247 -3.05 -25.38 1.08
C THR B 247 -3.65 -26.59 1.77
N SER B 248 -3.89 -27.64 0.99
CA SER B 248 -4.48 -28.88 1.48
C SER B 248 -3.64 -29.56 2.55
N GLU B 249 -2.34 -29.31 2.52
CA GLU B 249 -1.43 -29.89 3.51
C GLU B 249 -1.41 -29.05 4.79
N TRP B 250 -1.55 -27.74 4.64
CA TRP B 250 -1.69 -26.87 5.80
C TRP B 250 -3.02 -27.14 6.49
N VAL B 251 -4.04 -27.43 5.70
CA VAL B 251 -5.35 -27.80 6.25
C VAL B 251 -5.22 -29.10 7.03
N ASN B 252 -4.68 -30.13 6.39
CA ASN B 252 -4.56 -31.45 7.00
C ASN B 252 -3.74 -31.45 8.28
N ARG B 253 -2.57 -30.80 8.27
CA ARG B 253 -1.70 -30.83 9.45
C ARG B 253 -2.25 -29.95 10.57
N LEU B 254 -3.19 -29.07 10.25
CA LEU B 254 -3.87 -28.29 11.28
C LEU B 254 -5.03 -29.09 11.87
N ARG B 255 -5.76 -29.79 11.01
CA ARG B 255 -6.84 -30.65 11.45
C ARG B 255 -6.30 -31.84 12.24
N ASN B 256 -5.09 -32.29 11.90
CA ASN B 256 -4.44 -33.38 12.63
C ASN B 256 -4.08 -32.97 14.06
N ARG B 257 -3.94 -31.67 14.30
CA ARG B 257 -3.86 -31.15 15.67
C ARG B 257 -5.27 -30.74 16.13
N GLY B 258 -5.35 -29.87 17.13
CA GLY B 258 -6.65 -29.51 17.71
C GLY B 258 -7.40 -28.39 16.98
N TYR B 259 -7.44 -28.39 15.63
CA TYR B 259 -7.95 -27.20 14.93
C TYR B 259 -8.93 -27.40 13.75
N ALA B 260 -10.03 -26.67 13.82
CA ALA B 260 -11.07 -26.70 12.80
C ALA B 260 -10.66 -25.86 11.58
N ALA B 261 -9.98 -26.50 10.64
CA ALA B 261 -9.48 -25.81 9.46
C ALA B 261 -10.29 -26.20 8.23
N TYR B 262 -10.58 -25.21 7.40
CA TYR B 262 -11.27 -25.46 6.15
C TYR B 262 -10.72 -24.56 5.03
N LEU B 263 -11.10 -24.86 3.80
CA LEU B 263 -10.73 -24.04 2.66
C LEU B 263 -11.66 -22.83 2.58
N SER B 264 -11.11 -21.62 2.74
CA SER B 264 -11.95 -20.41 2.67
C SER B 264 -12.36 -20.09 1.24
N GLY B 265 -13.66 -20.18 0.98
CA GLY B 265 -14.15 -20.07 -0.38
C GLY B 265 -13.57 -21.19 -1.21
N ALA B 266 -12.85 -20.83 -2.27
CA ALA B 266 -12.23 -21.82 -3.13
C ALA B 266 -10.71 -21.79 -3.00
N GLY B 267 -10.22 -20.99 -2.06
CA GLY B 267 -8.79 -20.90 -1.81
C GLY B 267 -8.15 -19.68 -2.41
N PRO B 268 -6.81 -19.57 -2.30
CA PRO B 268 -5.96 -20.58 -1.65
C PRO B 268 -5.87 -20.45 -0.13
N THR B 269 -6.63 -19.52 0.45
CA THR B 269 -6.56 -19.29 1.90
C THR B 269 -7.11 -20.48 2.70
N ALA B 270 -6.35 -20.88 3.71
CA ALA B 270 -6.85 -21.83 4.70
C ALA B 270 -7.31 -21.07 5.93
N MET B 271 -8.52 -21.36 6.39
CA MET B 271 -9.05 -20.65 7.56
C MET B 271 -9.25 -21.59 8.75
N VAL B 272 -8.97 -21.07 9.93
CA VAL B 272 -9.20 -21.82 11.15
C VAL B 272 -10.10 -21.05 12.10
N LEU B 273 -11.22 -21.66 12.46
CA LEU B 273 -12.09 -21.11 13.49
C LEU B 273 -11.75 -21.73 14.83
N SER B 274 -11.62 -20.90 15.86
CA SER B 274 -11.25 -21.39 17.17
C SER B 274 -11.67 -20.39 18.24
N THR B 275 -11.43 -20.72 19.50
CA THR B 275 -11.86 -19.84 20.60
C THR B 275 -10.67 -19.25 21.35
N GLU B 276 -9.50 -19.86 21.18
CA GLU B 276 -8.24 -19.31 21.69
C GLU B 276 -7.30 -19.06 20.51
N PRO B 277 -6.39 -18.07 20.65
CA PRO B 277 -5.40 -17.78 19.62
C PRO B 277 -4.54 -19.00 19.26
N ILE B 278 -4.19 -19.12 17.98
CA ILE B 278 -3.27 -20.16 17.50
C ILE B 278 -1.85 -19.86 18.00
N PRO B 279 -1.13 -20.90 18.46
CA PRO B 279 0.24 -20.75 18.98
C PRO B 279 1.23 -20.18 17.97
N ASP B 280 2.09 -19.27 18.42
CA ASP B 280 3.12 -18.68 17.59
C ASP B 280 4.05 -19.74 17.03
N LYS B 281 4.20 -20.82 17.79
CA LYS B 281 5.11 -21.90 17.41
C LYS B 281 4.60 -22.70 16.21
N VAL B 282 3.45 -22.28 15.68
CA VAL B 282 2.90 -22.88 14.46
C VAL B 282 2.67 -21.78 13.41
N LEU B 283 2.27 -20.61 13.88
CA LEU B 283 2.04 -19.47 13.00
C LEU B 283 3.33 -19.05 12.28
N GLU B 284 4.42 -18.92 13.03
CA GLU B 284 5.70 -18.52 12.45
C GLU B 284 6.25 -19.60 11.52
N ASP B 285 5.86 -20.84 11.75
CA ASP B 285 6.24 -21.95 10.87
C ASP B 285 5.52 -21.78 9.54
N ALA B 286 4.33 -21.19 9.58
CA ALA B 286 3.59 -20.90 8.36
C ALA B 286 4.15 -19.70 7.63
N ARG B 287 4.60 -18.68 8.38
CA ARG B 287 5.11 -17.44 7.80
C ARG B 287 6.40 -17.64 7.02
N GLU B 288 7.17 -18.64 7.43
CA GLU B 288 8.35 -19.09 6.71
C GLU B 288 8.00 -19.63 5.33
N SER B 289 6.95 -20.43 5.26
CA SER B 289 6.54 -21.10 4.02
C SER B 289 5.72 -20.20 3.09
N GLY B 290 5.83 -18.89 3.27
CA GLY B 290 5.21 -17.93 2.35
C GLY B 290 3.81 -17.50 2.71
N ILE B 291 3.35 -17.92 3.89
CA ILE B 291 1.98 -17.67 4.30
C ILE B 291 1.85 -16.36 5.08
N LYS B 292 0.95 -15.49 4.62
CA LYS B 292 0.63 -14.29 5.36
C LYS B 292 -0.50 -14.63 6.34
N VAL B 293 -0.19 -14.54 7.63
CA VAL B 293 -1.13 -14.91 8.67
C VAL B 293 -1.97 -13.73 9.12
N LEU B 294 -3.29 -13.90 9.08
CA LEU B 294 -4.19 -12.81 9.41
C LEU B 294 -5.19 -13.22 10.51
N GLU B 295 -5.15 -12.50 11.63
CA GLU B 295 -6.01 -12.79 12.77
C GLU B 295 -7.22 -11.88 12.76
N LEU B 296 -8.37 -12.47 12.50
CA LEU B 296 -9.58 -11.70 12.27
C LEU B 296 -10.63 -12.01 13.31
N GLU B 297 -11.55 -11.07 13.48
CA GLU B 297 -12.74 -11.26 14.30
C GLU B 297 -13.96 -11.37 13.37
N VAL B 298 -15.08 -11.83 13.92
CA VAL B 298 -16.34 -11.82 13.18
C VAL B 298 -16.83 -10.39 13.05
N ALA B 299 -17.15 -9.97 11.83
CA ALA B 299 -17.53 -8.58 11.60
C ALA B 299 -19.05 -8.36 11.68
N GLY B 300 -19.45 -7.13 11.97
CA GLY B 300 -20.85 -6.73 11.90
C GLY B 300 -21.25 -6.41 10.45
N PRO B 301 -22.48 -5.93 10.25
CA PRO B 301 -23.03 -5.66 8.91
C PRO B 301 -22.36 -4.47 8.20
N VAL B 302 -22.52 -4.38 6.88
CA VAL B 302 -22.05 -3.22 6.11
C VAL B 302 -22.60 -1.94 6.73
N LYS B 303 -21.77 -0.91 6.82
CA LYS B 303 -22.15 0.35 7.45
C LYS B 303 -22.20 1.49 6.43
N VAL B 304 -23.23 2.33 6.50
CA VAL B 304 -23.38 3.44 5.55
C VAL B 304 -23.55 4.76 6.30
N GLU B 305 -22.56 5.64 6.18
CA GLU B 305 -22.63 6.97 6.76
C GLU B 305 -22.98 8.01 5.68
N VAL B 306 -24.02 8.79 5.92
CA VAL B 306 -24.36 9.93 5.07
C VAL B 306 -23.62 11.17 5.59
N ASN B 307 -22.40 11.38 5.09
CA ASN B 307 -21.50 12.39 5.64
C ASN B 307 -21.86 13.78 5.15
N GLN B 308 -22.68 13.83 4.09
CA GLN B 308 -23.18 15.08 3.57
C GLN B 308 -24.58 14.90 3.00
N PRO B 309 -25.58 15.52 3.64
CA PRO B 309 -26.98 15.49 3.20
C PRO B 309 -27.27 16.34 1.96
#